data_3TKA
#
_entry.id   3TKA
#
_cell.length_a   85.660
_cell.length_b   85.660
_cell.length_c   107.059
_cell.angle_alpha   90.00
_cell.angle_beta   90.00
_cell.angle_gamma   90.00
#
_symmetry.space_group_name_H-M   'I 41'
#
loop_
_entity.id
_entity.type
_entity.pdbx_description
1 polymer 'Ribosomal RNA small subunit methyltransferase H'
2 non-polymer S-ADENOSYLMETHIONINE
3 non-polymer 4-AMINO-1-BETA-D-RIBOFURANOSYL-2(1H)-PYRIMIDINONE
4 non-polymer 'SULFATE ION'
5 non-polymer 'TETRAETHYLENE GLYCOL'
6 water water
#
_entity_poly.entity_id   1
_entity_poly.type   'polypeptide(L)'
_entity_poly.pdbx_seq_one_letter_code
;MGSSHHHHHHSSGENLYFEGSHMASMTGGQQMGRMMENYKHTTVLLDEAVNGLNIRPDGIYIDGTFGRGGHSRLILSQLG
EEGRLLAIDRDPQAIAVAKTIDDPRFSIIHGPFSALGEYVAERDLIGKIDGILLDLGVSSPQLDDAERGFSFMRDGPLDM
RMDPTRGQSAAEWLQTAEEADIAWVLKTYGEERFAKRIARAIVERNREQPMTRTKELAEVVAAATPVKDKFKHPATRTFQ
AVRIWVNSELEEIEQALKSSLNVLAPGGRLSIISFHSLEDRIVKRFMRENSRGPQVPAGLPMTEEQLKKLGGRQLRALGK
LMPGEEEVAENPRARSSVLRIAERTNA
;
_entity_poly.pdbx_strand_id   A
#
# COMPACT_ATOMS: atom_id res chain seq x y z
N THR A 42 -7.90 -13.98 17.67
CA THR A 42 -6.94 -12.99 17.16
C THR A 42 -6.71 -13.16 15.66
N THR A 43 -6.29 -12.08 15.01
CA THR A 43 -6.02 -12.13 13.57
C THR A 43 -4.58 -11.80 13.21
N VAL A 44 -4.16 -12.33 12.08
CA VAL A 44 -2.88 -11.98 11.49
C VAL A 44 -2.91 -10.50 11.14
N LEU A 45 -3.96 -10.08 10.46
CA LEU A 45 -4.03 -8.72 9.93
C LEU A 45 -3.96 -7.64 11.00
N LEU A 46 -4.61 -7.83 12.13
CA LEU A 46 -4.56 -6.80 13.17
C LEU A 46 -3.69 -7.12 14.37
N ASP A 47 -4.00 -8.19 15.08
CA ASP A 47 -3.27 -8.57 16.30
C ASP A 47 -1.80 -8.96 16.10
N GLU A 48 -1.53 -9.75 15.08
CA GLU A 48 -0.18 -10.24 14.78
C GLU A 48 0.68 -9.11 14.24
N ALA A 49 0.07 -8.26 13.41
CA ALA A 49 0.82 -7.18 12.82
C ALA A 49 1.32 -6.21 13.90
N VAL A 50 0.44 -5.89 14.84
CA VAL A 50 0.78 -5.00 15.96
C VAL A 50 1.78 -5.65 16.93
N ASN A 51 1.59 -6.94 17.21
CA ASN A 51 2.57 -7.74 17.95
C ASN A 51 3.96 -7.60 17.34
N GLY A 52 4.00 -7.62 16.00
CA GLY A 52 5.25 -7.55 15.27
C GLY A 52 6.10 -6.33 15.58
N LEU A 53 5.43 -5.25 15.98
CA LEU A 53 6.13 -4.01 16.33
C LEU A 53 6.88 -4.08 17.66
N ASN A 54 6.58 -5.09 18.48
CA ASN A 54 7.21 -5.23 19.81
C ASN A 54 7.21 -3.91 20.57
N ILE A 55 6.02 -3.36 20.78
CA ILE A 55 5.87 -2.04 21.35
C ILE A 55 6.36 -1.93 22.80
N ARG A 56 7.23 -0.95 23.05
CA ARG A 56 7.48 -0.51 24.42
C ARG A 56 6.76 0.83 24.63
N PRO A 57 6.36 1.10 25.88
CA PRO A 57 5.52 2.25 26.24
C PRO A 57 6.14 3.61 25.88
N ASP A 58 7.46 3.71 25.90
CA ASP A 58 8.15 4.97 25.64
C ASP A 58 8.82 5.00 24.26
N GLY A 59 8.48 4.03 23.42
CA GLY A 59 9.07 3.91 22.10
C GLY A 59 8.47 4.89 21.12
N ILE A 60 9.08 4.96 19.93
CA ILE A 60 8.64 5.84 18.86
C ILE A 60 8.33 5.05 17.59
N TYR A 61 7.07 5.11 17.16
CA TYR A 61 6.59 4.22 16.11
C TYR A 61 6.06 4.98 14.90
N ILE A 62 6.16 4.36 13.74
CA ILE A 62 5.52 4.90 12.55
C ILE A 62 4.42 3.98 12.02
N ASP A 63 3.23 4.52 11.84
CA ASP A 63 2.19 3.85 11.06
C ASP A 63 2.20 4.54 9.70
N GLY A 64 2.76 3.86 8.71
CA GLY A 64 2.97 4.47 7.40
C GLY A 64 1.75 4.46 6.49
N THR A 65 0.66 3.84 6.98
CA THR A 65 -0.55 3.62 6.19
C THR A 65 -1.78 3.80 7.10
N PHE A 66 -1.97 5.04 7.58
CA PHE A 66 -2.98 5.32 8.58
C PHE A 66 -4.38 4.75 8.24
N GLY A 67 -4.82 4.98 7.00
CA GLY A 67 -6.12 4.50 6.56
C GLY A 67 -7.27 5.08 7.37
N ARG A 68 -7.91 4.25 8.20
CA ARG A 68 -8.99 4.73 9.06
C ARG A 68 -8.61 4.70 10.55
N GLY A 69 -7.32 4.46 10.81
CA GLY A 69 -6.75 4.56 12.14
C GLY A 69 -6.80 3.30 12.98
N GLY A 70 -7.18 2.17 12.37
CA GLY A 70 -7.29 0.94 13.14
C GLY A 70 -6.00 0.57 13.86
N HIS A 71 -4.96 0.35 13.07
CA HIS A 71 -3.65 0.07 13.64
C HIS A 71 -3.20 1.21 14.53
N SER A 72 -3.37 2.45 14.09
CA SER A 72 -2.89 3.60 14.85
C SER A 72 -3.51 3.65 16.24
N ARG A 73 -4.82 3.45 16.33
CA ARG A 73 -5.52 3.44 17.62
CA ARG A 73 -5.48 3.49 17.63
C ARG A 73 -5.00 2.30 18.47
N LEU A 74 -4.86 1.13 17.83
CA LEU A 74 -4.33 -0.04 18.52
C LEU A 74 -2.93 0.19 19.14
N ILE A 75 -2.07 0.87 18.39
CA ILE A 75 -0.71 1.17 18.82
C ILE A 75 -0.73 2.17 19.95
N LEU A 76 -1.50 3.24 19.75
CA LEU A 76 -1.64 4.27 20.77
C LEU A 76 -2.09 3.68 22.11
N SER A 77 -3.02 2.73 22.08
CA SER A 77 -3.52 2.14 23.31
C SER A 77 -2.43 1.40 24.09
N GLN A 78 -1.32 1.12 23.43
CA GLN A 78 -0.22 0.38 24.06
C GLN A 78 0.94 1.31 24.43
N LEU A 79 0.84 2.58 24.04
CA LEU A 79 1.86 3.56 24.37
C LEU A 79 1.60 4.22 25.71
N GLY A 80 2.68 4.59 26.39
CA GLY A 80 2.59 5.33 27.63
C GLY A 80 2.71 6.81 27.30
N GLU A 81 2.82 7.64 28.32
CA GLU A 81 2.82 9.09 28.13
C GLU A 81 4.09 9.59 27.41
N GLU A 82 5.14 8.78 27.38
CA GLU A 82 6.38 9.15 26.70
C GLU A 82 6.45 8.57 25.29
N GLY A 83 5.46 7.76 24.96
CA GLY A 83 5.39 7.16 23.63
C GLY A 83 5.03 8.17 22.56
N ARG A 84 5.39 7.85 21.32
CA ARG A 84 5.06 8.73 20.22
C ARG A 84 4.68 7.92 18.98
N LEU A 85 3.60 8.33 18.33
CA LEU A 85 3.17 7.72 17.07
C LEU A 85 3.17 8.76 15.95
N LEU A 86 3.91 8.46 14.90
CA LEU A 86 3.90 9.30 13.71
C LEU A 86 3.24 8.51 12.59
N ALA A 87 2.17 9.07 12.05
CA ALA A 87 1.38 8.40 11.01
C ALA A 87 1.54 9.07 9.66
N ILE A 88 1.42 8.28 8.59
CA ILE A 88 1.47 8.78 7.22
C ILE A 88 0.30 8.24 6.39
N ASP A 89 -0.17 9.06 5.47
CA ASP A 89 -1.07 8.59 4.41
C ASP A 89 -1.11 9.62 3.29
N ARG A 90 -1.15 9.12 2.05
CA ARG A 90 -1.15 10.01 0.90
C ARG A 90 -2.58 10.42 0.53
N ASP A 91 -3.57 9.77 1.16
CA ASP A 91 -4.98 10.06 0.90
C ASP A 91 -5.55 11.11 1.85
N PRO A 92 -5.98 12.25 1.29
CA PRO A 92 -6.58 13.34 2.07
C PRO A 92 -7.69 12.84 2.98
N GLN A 93 -8.53 11.91 2.55
CA GLN A 93 -9.63 11.48 3.40
C GLN A 93 -9.09 10.79 4.66
N ALA A 94 -8.00 10.06 4.48
CA ALA A 94 -7.33 9.44 5.61
C ALA A 94 -6.80 10.52 6.56
N ILE A 95 -6.21 11.59 6.01
CA ILE A 95 -5.78 12.72 6.82
C ILE A 95 -6.96 13.33 7.59
N ALA A 96 -8.11 13.41 6.94
CA ALA A 96 -9.34 13.94 7.53
C ALA A 96 -9.75 13.11 8.73
N VAL A 97 -9.62 11.79 8.63
CA VAL A 97 -9.84 10.97 9.83
C VAL A 97 -8.79 11.22 10.91
N ALA A 98 -7.51 11.18 10.53
CA ALA A 98 -6.41 11.32 11.48
C ALA A 98 -6.48 12.63 12.25
N LYS A 99 -7.00 13.65 11.60
CA LYS A 99 -7.07 15.02 12.09
C LYS A 99 -7.90 15.11 13.38
N THR A 100 -8.84 14.21 13.50
CA THR A 100 -9.81 14.23 14.58
C THR A 100 -9.22 13.61 15.85
N ILE A 101 -8.17 12.83 15.67
CA ILE A 101 -7.47 12.23 16.81
C ILE A 101 -6.84 13.33 17.67
N ASP A 102 -7.27 13.37 18.91
CA ASP A 102 -6.85 14.41 19.84
C ASP A 102 -5.90 13.80 20.85
N ASP A 103 -4.62 13.71 20.49
CA ASP A 103 -3.62 13.10 21.33
C ASP A 103 -2.31 13.78 21.00
N PRO A 104 -1.69 14.40 22.02
CA PRO A 104 -0.44 15.13 21.78
C PRO A 104 0.69 14.19 21.35
N ARG A 105 0.56 12.89 21.63
CA ARG A 105 1.59 11.93 21.23
C ARG A 105 1.51 11.56 19.76
N PHE A 106 0.37 11.85 19.14
CA PHE A 106 0.08 11.45 17.76
C PHE A 106 0.24 12.59 16.76
N SER A 107 0.86 12.31 15.62
CA SER A 107 0.85 13.27 14.54
C SER A 107 0.65 12.58 13.18
N ILE A 108 0.18 13.33 12.20
CA ILE A 108 -0.03 12.78 10.88
C ILE A 108 0.71 13.56 9.78
N ILE A 109 1.27 12.84 8.81
CA ILE A 109 1.89 13.47 7.64
C ILE A 109 1.17 13.06 6.35
N HIS A 110 0.87 14.06 5.52
CA HIS A 110 0.28 13.79 4.22
C HIS A 110 1.33 13.77 3.11
N GLY A 111 1.56 12.58 2.58
CA GLY A 111 2.54 12.35 1.55
C GLY A 111 2.74 10.86 1.35
N PRO A 112 3.53 10.49 0.33
CA PRO A 112 3.82 9.08 0.04
C PRO A 112 4.74 8.50 1.13
N PHE A 113 4.59 7.23 1.48
CA PHE A 113 5.49 6.68 2.49
C PHE A 113 6.94 6.46 1.98
N SER A 114 7.14 6.57 0.66
CA SER A 114 8.50 6.62 0.11
C SER A 114 9.37 7.76 0.66
N ALA A 115 8.75 8.85 1.11
CA ALA A 115 9.48 9.97 1.67
C ALA A 115 9.71 9.78 3.17
N LEU A 116 9.48 8.56 3.64
CA LEU A 116 9.61 8.22 5.04
C LEU A 116 10.91 8.76 5.67
N GLY A 117 12.03 8.50 4.99
CA GLY A 117 13.32 8.93 5.49
C GLY A 117 13.41 10.43 5.71
N GLU A 118 12.87 11.20 4.78
CA GLU A 118 12.86 12.64 4.88
C GLU A 118 12.01 13.07 6.07
N TYR A 119 10.83 12.47 6.23
CA TYR A 119 9.95 12.89 7.30
C TYR A 119 10.71 12.77 8.61
N VAL A 120 11.30 11.60 8.82
CA VAL A 120 12.09 11.28 10.01
C VAL A 120 13.26 12.24 10.20
N ALA A 121 13.87 12.67 9.09
CA ALA A 121 14.97 13.61 9.22
C ALA A 121 14.43 14.99 9.61
N GLU A 122 13.24 15.34 9.08
CA GLU A 122 12.65 16.65 9.37
C GLU A 122 12.51 16.78 10.88
N ARG A 123 12.30 15.65 11.54
CA ARG A 123 12.03 15.63 12.97
C ARG A 123 13.23 15.21 13.82
N ASP A 124 14.39 15.07 13.20
CA ASP A 124 15.59 14.66 13.93
C ASP A 124 15.38 13.32 14.63
N LEU A 125 14.74 12.39 13.94
CA LEU A 125 14.43 11.10 14.54
C LEU A 125 15.25 9.99 13.91
N ILE A 126 16.22 10.37 13.08
CA ILE A 126 17.07 9.39 12.43
C ILE A 126 17.74 8.48 13.45
N GLY A 127 17.49 7.18 13.35
CA GLY A 127 18.07 6.24 14.28
C GLY A 127 17.27 6.12 15.57
N LYS A 128 16.10 6.74 15.63
CA LYS A 128 15.31 6.73 16.85
C LYS A 128 13.92 6.12 16.68
N ILE A 129 13.70 5.41 15.58
CA ILE A 129 12.40 4.77 15.34
C ILE A 129 12.43 3.32 15.82
N ASP A 130 11.49 2.98 16.69
CA ASP A 130 11.45 1.66 17.31
C ASP A 130 10.59 0.67 16.54
N GLY A 131 9.83 1.19 15.59
CA GLY A 131 9.02 0.34 14.75
C GLY A 131 8.32 1.10 13.65
N ILE A 132 8.22 0.45 12.50
CA ILE A 132 7.46 0.95 11.36
C ILE A 132 6.46 -0.13 10.95
N LEU A 133 5.20 0.25 10.86
CA LEU A 133 4.19 -0.64 10.35
C LEU A 133 3.65 -0.14 9.01
N LEU A 134 3.58 -1.05 8.03
CA LEU A 134 2.95 -0.73 6.75
C LEU A 134 1.86 -1.75 6.46
N ASP A 135 0.65 -1.25 6.28
CA ASP A 135 -0.48 -2.09 5.94
C ASP A 135 -0.88 -1.72 4.52
N LEU A 136 -0.33 -2.47 3.56
CA LEU A 136 -0.25 -2.06 2.16
C LEU A 136 -1.53 -2.19 1.32
N GLY A 137 -1.69 -1.30 0.36
CA GLY A 137 -2.81 -1.38 -0.55
C GLY A 137 -3.86 -0.31 -0.33
N VAL A 138 -5.07 -0.59 -0.80
CA VAL A 138 -6.13 0.39 -0.75
C VAL A 138 -6.85 0.33 0.58
N SER A 139 -7.53 1.42 0.92
CA SER A 139 -8.40 1.43 2.07
C SER A 139 -9.80 1.00 1.62
N SER A 140 -10.62 0.55 2.57
CA SER A 140 -11.98 0.20 2.25
C SER A 140 -12.76 1.39 1.67
N PRO A 141 -12.67 2.57 2.28
CA PRO A 141 -13.32 3.71 1.63
C PRO A 141 -12.92 3.96 0.18
N GLN A 142 -11.63 3.85 -0.17
CA GLN A 142 -11.22 3.98 -1.56
C GLN A 142 -11.95 2.97 -2.45
N LEU A 143 -12.14 1.76 -1.94
CA LEU A 143 -12.86 0.72 -2.68
C LEU A 143 -14.37 0.93 -2.78
N ASP A 144 -14.98 1.37 -1.70
CA ASP A 144 -16.42 1.39 -1.54
C ASP A 144 -17.06 2.65 -2.11
N ASP A 145 -16.28 3.72 -2.21
CA ASP A 145 -16.77 4.98 -2.75
C ASP A 145 -16.52 5.00 -4.25
N ALA A 146 -17.56 4.70 -5.02
CA ALA A 146 -17.48 4.66 -6.47
C ALA A 146 -16.87 5.92 -7.08
N GLU A 147 -17.03 7.06 -6.41
CA GLU A 147 -16.50 8.34 -6.91
C GLU A 147 -14.97 8.42 -6.91
N ARG A 148 -14.34 7.64 -6.04
CA ARG A 148 -12.88 7.57 -6.03
C ARG A 148 -12.37 6.83 -7.28
N GLY A 149 -13.29 6.15 -7.98
CA GLY A 149 -12.96 5.53 -9.25
C GLY A 149 -12.00 4.34 -9.21
N PHE A 150 -12.09 3.51 -8.17
CA PHE A 150 -11.32 2.27 -8.11
C PHE A 150 -12.08 1.03 -8.62
N SER A 151 -13.39 1.15 -8.76
CA SER A 151 -14.28 0.01 -8.95
C SER A 151 -14.78 -0.11 -10.39
N PHE A 152 -14.81 -1.33 -10.90
CA PHE A 152 -15.43 -1.57 -12.21
C PHE A 152 -16.84 -2.12 -12.02
N MET A 153 -17.27 -2.21 -10.75
CA MET A 153 -18.61 -2.68 -10.40
C MET A 153 -19.62 -1.53 -10.36
N ARG A 154 -19.30 -0.50 -9.58
CA ARG A 154 -20.08 0.73 -9.56
C ARG A 154 -19.37 1.78 -10.43
N ASP A 155 -20.11 2.49 -11.27
CA ASP A 155 -19.51 3.50 -12.13
C ASP A 155 -18.98 4.72 -11.37
N GLY A 156 -17.83 5.22 -11.81
CA GLY A 156 -17.30 6.47 -11.28
C GLY A 156 -16.26 7.08 -12.21
N PRO A 157 -15.72 8.25 -11.83
CA PRO A 157 -14.64 8.84 -12.63
C PRO A 157 -13.46 7.88 -12.65
N LEU A 158 -12.90 7.64 -13.84
CA LEU A 158 -11.78 6.74 -14.02
C LEU A 158 -10.50 7.38 -13.45
N ASP A 159 -10.35 7.29 -12.13
CA ASP A 159 -9.31 8.04 -11.42
C ASP A 159 -8.23 7.14 -10.81
N MET A 160 -8.64 6.35 -9.81
CA MET A 160 -7.78 5.35 -9.17
C MET A 160 -6.62 5.92 -8.35
N ARG A 161 -6.60 7.22 -8.09
CA ARG A 161 -5.53 7.81 -7.26
C ARG A 161 -5.82 7.69 -5.77
N MET A 162 -4.86 7.16 -5.03
CA MET A 162 -4.94 7.20 -3.56
C MET A 162 -4.85 8.64 -3.10
N ASP A 163 -4.09 9.44 -3.86
CA ASP A 163 -3.98 10.85 -3.58
C ASP A 163 -4.46 11.65 -4.80
N PRO A 164 -5.74 12.03 -4.79
CA PRO A 164 -6.28 12.75 -5.94
C PRO A 164 -5.88 14.21 -5.97
N THR A 165 -5.07 14.66 -5.02
CA THR A 165 -4.69 16.07 -4.99
C THR A 165 -3.62 16.37 -6.04
N ARG A 166 -2.95 15.32 -6.50
CA ARG A 166 -1.83 15.50 -7.42
C ARG A 166 -1.60 14.24 -8.26
N GLY A 167 -0.71 14.38 -9.23
CA GLY A 167 -0.35 13.31 -10.13
C GLY A 167 -1.38 13.03 -11.20
N GLN A 168 -1.02 12.12 -12.09
CA GLN A 168 -1.81 11.75 -13.24
C GLN A 168 -2.84 10.68 -12.90
N SER A 169 -4.09 10.93 -13.25
CA SER A 169 -5.15 9.94 -13.06
C SER A 169 -5.04 8.78 -14.06
N ALA A 170 -5.80 7.73 -13.80
CA ALA A 170 -5.93 6.61 -14.72
C ALA A 170 -6.42 7.07 -16.09
N ALA A 171 -7.52 7.81 -16.11
CA ALA A 171 -8.04 8.34 -17.38
C ALA A 171 -7.00 9.11 -18.20
N GLU A 172 -6.27 10.04 -17.58
CA GLU A 172 -5.25 10.83 -18.28
C GLU A 172 -4.13 9.95 -18.79
N TRP A 173 -3.65 9.07 -17.91
CA TRP A 173 -2.60 8.13 -18.30
C TRP A 173 -3.00 7.33 -19.54
N LEU A 174 -4.14 6.65 -19.46
CA LEU A 174 -4.67 5.90 -20.60
C LEU A 174 -4.93 6.77 -21.83
N GLN A 175 -5.26 8.03 -21.63
CA GLN A 175 -5.55 8.92 -22.74
C GLN A 175 -4.28 9.28 -23.51
N THR A 176 -3.14 9.29 -22.81
CA THR A 176 -1.89 9.69 -23.46
C THR A 176 -0.90 8.54 -23.77
N ALA A 177 -1.08 7.39 -23.11
CA ALA A 177 -0.07 6.33 -23.16
C ALA A 177 0.01 5.60 -24.50
N GLU A 178 1.19 5.07 -24.81
CA GLU A 178 1.36 4.23 -25.98
C GLU A 178 0.91 2.82 -25.70
N GLU A 179 0.47 2.15 -26.74
CA GLU A 179 0.06 0.75 -26.65
C GLU A 179 1.05 -0.12 -25.89
N ALA A 180 2.33 0.00 -26.22
CA ALA A 180 3.39 -0.83 -25.65
C ALA A 180 3.54 -0.61 -24.16
N ASP A 181 3.38 0.64 -23.75
CA ASP A 181 3.41 1.04 -22.33
C ASP A 181 2.29 0.37 -21.55
N ILE A 182 1.06 0.54 -22.04
CA ILE A 182 -0.12 -0.07 -21.41
C ILE A 182 0.04 -1.59 -21.33
N ALA A 183 0.49 -2.19 -22.43
CA ALA A 183 0.73 -3.62 -22.48
C ALA A 183 1.71 -4.06 -21.39
N TRP A 184 2.83 -3.35 -21.28
CA TRP A 184 3.81 -3.70 -20.26
C TRP A 184 3.22 -3.58 -18.84
N VAL A 185 2.48 -2.50 -18.61
CA VAL A 185 1.83 -2.33 -17.31
C VAL A 185 0.87 -3.49 -17.00
N LEU A 186 0.06 -3.88 -17.98
CA LEU A 186 -0.90 -4.97 -17.77
C LEU A 186 -0.24 -6.31 -17.49
N LYS A 187 0.79 -6.62 -18.27
CA LYS A 187 1.53 -7.86 -18.05
C LYS A 187 2.25 -7.88 -16.69
N THR A 188 2.93 -6.79 -16.34
CA THR A 188 3.82 -6.78 -15.19
C THR A 188 3.04 -6.60 -13.88
N TYR A 189 2.13 -5.64 -13.85
CA TYR A 189 1.40 -5.36 -12.62
C TYR A 189 0.07 -6.08 -12.53
N GLY A 190 -0.42 -6.63 -13.65
CA GLY A 190 -1.69 -7.31 -13.63
C GLY A 190 -1.55 -8.80 -13.78
N GLU A 191 -0.42 -9.24 -14.36
CA GLU A 191 -0.25 -10.63 -14.76
C GLU A 191 -1.39 -11.05 -15.69
N GLU A 192 -1.79 -10.09 -16.54
CA GLU A 192 -2.83 -10.27 -17.52
C GLU A 192 -2.27 -10.87 -18.81
N ARG A 193 -2.72 -12.08 -19.17
CA ARG A 193 -2.21 -12.75 -20.36
C ARG A 193 -2.54 -11.96 -21.61
N PHE A 194 -3.72 -11.36 -21.60
CA PHE A 194 -4.21 -10.66 -22.77
C PHE A 194 -3.81 -9.18 -22.84
N ALA A 195 -2.71 -8.86 -22.15
CA ALA A 195 -2.22 -7.49 -22.08
C ALA A 195 -2.12 -6.81 -23.44
N LYS A 196 -1.66 -7.53 -24.45
CA LYS A 196 -1.40 -6.89 -25.72
C LYS A 196 -2.71 -6.48 -26.41
N ARG A 197 -3.65 -7.41 -26.50
CA ARG A 197 -4.93 -7.12 -27.14
C ARG A 197 -5.74 -6.10 -26.33
N ILE A 198 -5.68 -6.20 -25.01
CA ILE A 198 -6.38 -5.25 -24.16
C ILE A 198 -5.82 -3.84 -24.35
N ALA A 199 -4.49 -3.72 -24.31
CA ALA A 199 -3.83 -2.44 -24.59
C ALA A 199 -4.22 -1.90 -25.97
N ARG A 200 -4.23 -2.78 -26.97
CA ARG A 200 -4.63 -2.37 -28.31
C ARG A 200 -6.06 -1.78 -28.30
N ALA A 201 -7.00 -2.53 -27.75
CA ALA A 201 -8.40 -2.12 -27.69
C ALA A 201 -8.55 -0.78 -26.93
N ILE A 202 -7.76 -0.61 -25.88
CA ILE A 202 -7.80 0.61 -25.09
C ILE A 202 -7.33 1.81 -25.90
N VAL A 203 -6.21 1.63 -26.61
CA VAL A 203 -5.66 2.68 -27.45
C VAL A 203 -6.65 3.07 -28.55
N GLU A 204 -7.27 2.08 -29.18
CA GLU A 204 -8.24 2.34 -30.24
C GLU A 204 -9.42 3.14 -29.69
N ARG A 205 -9.98 2.63 -28.59
CA ARG A 205 -11.09 3.31 -27.93
C ARG A 205 -10.75 4.76 -27.67
N ASN A 206 -9.57 5.01 -27.09
CA ASN A 206 -9.25 6.37 -26.72
C ASN A 206 -8.93 7.24 -27.92
N ARG A 207 -8.57 6.60 -29.03
CA ARG A 207 -8.35 7.32 -30.26
C ARG A 207 -9.71 7.79 -30.80
N GLU A 208 -10.74 6.97 -30.62
CA GLU A 208 -12.08 7.32 -31.13
C GLU A 208 -12.99 8.03 -30.12
N GLN A 209 -13.02 7.55 -28.88
CA GLN A 209 -13.97 8.06 -27.89
C GLN A 209 -13.41 8.00 -26.47
N PRO A 210 -12.63 9.03 -26.09
CA PRO A 210 -11.80 9.11 -24.88
C PRO A 210 -12.51 8.59 -23.63
N MET A 211 -11.88 7.65 -22.93
CA MET A 211 -12.51 7.07 -21.74
C MET A 211 -12.37 7.97 -20.52
N THR A 212 -13.45 8.03 -19.75
CA THR A 212 -13.59 9.00 -18.67
C THR A 212 -14.19 8.33 -17.41
N ARG A 213 -14.75 7.14 -17.59
CA ARG A 213 -15.45 6.42 -16.51
C ARG A 213 -14.96 4.98 -16.35
N THR A 214 -14.87 4.51 -15.11
CA THR A 214 -14.52 3.10 -14.84
C THR A 214 -15.32 2.07 -15.68
N LYS A 215 -16.63 2.24 -15.81
CA LYS A 215 -17.43 1.26 -16.54
C LYS A 215 -17.06 1.16 -18.04
N GLU A 216 -16.70 2.29 -18.64
CA GLU A 216 -16.15 2.31 -19.98
C GLU A 216 -14.91 1.41 -20.07
N LEU A 217 -13.99 1.59 -19.12
CA LEU A 217 -12.77 0.79 -19.14
C LEU A 217 -13.10 -0.69 -19.00
N ALA A 218 -13.93 -1.03 -18.02
CA ALA A 218 -14.36 -2.42 -17.80
C ALA A 218 -15.01 -3.06 -19.04
N GLU A 219 -15.83 -2.29 -19.74
CA GLU A 219 -16.53 -2.79 -20.92
C GLU A 219 -15.57 -2.99 -22.08
N VAL A 220 -14.62 -2.07 -22.23
CA VAL A 220 -13.59 -2.22 -23.25
C VAL A 220 -12.75 -3.48 -22.99
N VAL A 221 -12.35 -3.68 -21.75
CA VAL A 221 -11.58 -4.87 -21.41
C VAL A 221 -12.40 -6.15 -21.65
N ALA A 222 -13.65 -6.16 -21.23
CA ALA A 222 -14.49 -7.34 -21.42
C ALA A 222 -14.65 -7.68 -22.90
N ALA A 223 -14.92 -6.66 -23.70
CA ALA A 223 -15.07 -6.83 -25.14
C ALA A 223 -13.79 -7.37 -25.78
N ALA A 224 -12.64 -6.79 -25.41
CA ALA A 224 -11.35 -7.20 -25.96
C ALA A 224 -10.94 -8.63 -25.63
N THR A 225 -11.53 -9.19 -24.57
CA THR A 225 -11.18 -10.54 -24.15
C THR A 225 -12.27 -11.58 -24.43
N PRO A 226 -11.85 -12.82 -24.62
CA PRO A 226 -12.78 -13.93 -24.86
C PRO A 226 -13.63 -14.24 -23.64
N VAL A 227 -14.87 -14.64 -23.85
CA VAL A 227 -15.77 -14.98 -22.76
C VAL A 227 -16.98 -14.04 -22.73
N LYS A 232 -14.90 -15.31 -12.32
CA LYS A 232 -14.02 -14.15 -12.37
C LYS A 232 -14.63 -13.06 -13.25
N HIS A 233 -14.06 -11.86 -13.16
CA HIS A 233 -14.45 -10.77 -14.07
C HIS A 233 -13.24 -10.36 -14.91
N PRO A 234 -13.45 -10.18 -16.21
CA PRO A 234 -12.41 -9.91 -17.22
C PRO A 234 -11.55 -8.67 -16.96
N ALA A 235 -12.10 -7.68 -16.27
CA ALA A 235 -11.42 -6.41 -16.10
C ALA A 235 -10.64 -6.28 -14.79
N THR A 236 -10.71 -7.30 -13.94
CA THR A 236 -10.07 -7.23 -12.62
C THR A 236 -8.54 -7.00 -12.63
N ARG A 237 -7.83 -7.83 -13.38
CA ARG A 237 -6.39 -7.73 -13.43
C ARG A 237 -5.98 -6.40 -14.05
N THR A 238 -6.70 -6.00 -15.09
CA THR A 238 -6.44 -4.72 -15.73
C THR A 238 -6.56 -3.58 -14.73
N PHE A 239 -7.63 -3.62 -13.93
CA PHE A 239 -7.87 -2.55 -12.96
C PHE A 239 -6.76 -2.53 -11.91
N GLN A 240 -6.34 -3.71 -11.46
CA GLN A 240 -5.22 -3.80 -10.54
C GLN A 240 -3.94 -3.21 -11.15
N ALA A 241 -3.66 -3.55 -12.41
CA ALA A 241 -2.44 -3.15 -13.08
C ALA A 241 -2.40 -1.63 -13.21
N VAL A 242 -3.51 -1.07 -13.67
CA VAL A 242 -3.62 0.36 -13.84
C VAL A 242 -3.51 1.05 -12.48
N ARG A 243 -4.16 0.50 -11.47
CA ARG A 243 -4.13 1.13 -10.16
C ARG A 243 -2.69 1.20 -9.66
N ILE A 244 -2.02 0.05 -9.73
CA ILE A 244 -0.63 -0.07 -9.32
C ILE A 244 0.26 0.92 -10.07
N TRP A 245 0.01 1.11 -11.37
CA TRP A 245 0.78 2.11 -12.13
C TRP A 245 0.49 3.55 -11.69
N VAL A 246 -0.78 3.89 -11.60
CA VAL A 246 -1.20 5.24 -11.26
C VAL A 246 -0.61 5.67 -9.92
N ASN A 247 -0.46 4.70 -9.02
CA ASN A 247 0.02 4.95 -7.68
C ASN A 247 1.46 4.55 -7.39
N SER A 248 2.17 4.03 -8.40
CA SER A 248 3.56 3.57 -8.22
C SER A 248 3.71 2.66 -7.01
N GLU A 249 2.72 1.82 -6.75
CA GLU A 249 2.66 1.09 -5.47
C GLU A 249 3.90 0.24 -5.13
N LEU A 250 4.42 -0.45 -6.13
CA LEU A 250 5.58 -1.31 -5.93
C LEU A 250 6.88 -0.53 -5.66
N GLU A 251 7.17 0.48 -6.48
CA GLU A 251 8.34 1.30 -6.21
C GLU A 251 8.21 2.03 -4.89
N GLU A 252 6.99 2.43 -4.53
CA GLU A 252 6.74 3.07 -3.23
C GLU A 252 7.22 2.15 -2.12
N ILE A 253 6.72 0.92 -2.16
CA ILE A 253 7.17 -0.07 -1.18
C ILE A 253 8.70 -0.25 -1.14
N GLU A 254 9.29 -0.43 -2.31
CA GLU A 254 10.74 -0.57 -2.39
C GLU A 254 11.48 0.56 -1.67
N GLN A 255 11.13 1.81 -2.00
CA GLN A 255 11.79 2.97 -1.41
CA GLN A 255 11.87 2.91 -1.40
C GLN A 255 11.58 3.08 0.10
N ALA A 256 10.35 2.82 0.53
CA ALA A 256 10.07 2.89 1.98
C ALA A 256 10.91 1.87 2.74
N LEU A 257 10.93 0.63 2.25
CA LEU A 257 11.78 -0.38 2.87
C LEU A 257 13.24 0.09 2.90
N LYS A 258 13.76 0.56 1.77
CA LYS A 258 15.13 1.07 1.78
C LYS A 258 15.38 2.12 2.90
N SER A 259 14.57 3.16 2.95
CA SER A 259 14.73 4.21 3.98
C SER A 259 14.57 3.74 5.45
N SER A 260 13.74 2.71 5.62
CA SER A 260 13.49 2.14 6.94
C SER A 260 14.77 1.70 7.64
N LEU A 261 15.70 1.11 6.89
CA LEU A 261 16.97 0.69 7.46
C LEU A 261 17.70 1.86 8.08
N ASN A 262 17.69 2.99 7.38
CA ASN A 262 18.43 4.14 7.86
C ASN A 262 17.73 4.83 9.03
N VAL A 263 16.40 4.73 9.12
CA VAL A 263 15.77 5.44 10.24
C VAL A 263 15.64 4.64 11.55
N LEU A 264 15.70 3.31 11.47
CA LEU A 264 15.42 2.45 12.63
C LEU A 264 16.49 2.48 13.72
N ALA A 265 16.04 2.56 14.97
CA ALA A 265 16.93 2.32 16.09
C ALA A 265 17.34 0.84 16.13
N PRO A 266 18.40 0.52 16.89
CA PRO A 266 18.74 -0.87 17.17
C PRO A 266 17.54 -1.59 17.78
N GLY A 267 17.22 -2.79 17.29
CA GLY A 267 16.09 -3.55 17.78
C GLY A 267 14.77 -3.08 17.19
N GLY A 268 14.83 -2.04 16.35
CA GLY A 268 13.62 -1.50 15.76
C GLY A 268 12.96 -2.50 14.81
N ARG A 269 11.63 -2.46 14.78
CA ARG A 269 10.84 -3.46 14.06
C ARG A 269 10.30 -2.99 12.73
N LEU A 270 10.21 -3.93 11.80
CA LEU A 270 9.44 -3.74 10.58
C LEU A 270 8.32 -4.75 10.63
N SER A 271 7.10 -4.26 10.46
CA SER A 271 5.94 -5.14 10.45
C SER A 271 5.14 -4.73 9.24
N ILE A 272 5.21 -5.57 8.21
CA ILE A 272 4.65 -5.23 6.92
C ILE A 272 3.62 -6.23 6.44
N ILE A 273 2.41 -5.76 6.22
CA ILE A 273 1.35 -6.57 5.63
C ILE A 273 1.23 -6.29 4.13
N SER A 274 1.51 -7.31 3.33
CA SER A 274 1.27 -7.25 1.91
C SER A 274 -0.13 -7.79 1.60
N PHE A 275 -0.83 -7.14 0.66
CA PHE A 275 -2.17 -7.56 0.27
C PHE A 275 -2.13 -8.71 -0.75
N HIS A 276 -1.14 -8.70 -1.64
CA HIS A 276 -1.05 -9.73 -2.66
C HIS A 276 0.40 -10.02 -3.07
N SER A 277 0.57 -11.02 -3.91
CA SER A 277 1.87 -11.58 -4.26
C SER A 277 2.91 -10.58 -4.74
N LEU A 278 2.50 -9.61 -5.56
CA LEU A 278 3.45 -8.66 -6.15
C LEU A 278 4.13 -7.73 -5.14
N GLU A 279 3.39 -7.35 -4.09
CA GLU A 279 3.96 -6.60 -2.97
C GLU A 279 4.86 -7.53 -2.14
N ASP A 280 4.31 -8.70 -1.84
CA ASP A 280 5.01 -9.65 -0.99
C ASP A 280 6.37 -10.02 -1.56
N ARG A 281 6.44 -10.24 -2.86
CA ARG A 281 7.69 -10.56 -3.53
C ARG A 281 8.75 -9.53 -3.13
N ILE A 282 8.35 -8.26 -3.17
CA ILE A 282 9.24 -7.15 -2.83
C ILE A 282 9.66 -7.19 -1.36
N VAL A 283 8.69 -7.34 -0.46
CA VAL A 283 9.04 -7.40 0.97
C VAL A 283 10.00 -8.56 1.30
N LYS A 284 9.67 -9.76 0.81
CA LYS A 284 10.52 -10.93 0.95
C LYS A 284 11.93 -10.67 0.41
N ARG A 285 12.04 -10.26 -0.85
CA ARG A 285 13.34 -9.96 -1.42
C ARG A 285 14.15 -9.04 -0.49
N PHE A 286 13.53 -7.93 -0.09
CA PHE A 286 14.21 -6.96 0.74
C PHE A 286 14.69 -7.55 2.08
N MET A 287 13.82 -8.26 2.78
CA MET A 287 14.24 -8.83 4.06
C MET A 287 15.32 -9.88 3.89
N ARG A 288 15.24 -10.64 2.81
CA ARG A 288 16.23 -11.67 2.53
C ARG A 288 17.61 -11.06 2.29
N GLU A 289 17.68 -10.11 1.36
CA GLU A 289 18.95 -9.48 1.03
C GLU A 289 19.65 -8.82 2.23
N ASN A 290 18.87 -8.21 3.12
CA ASN A 290 19.42 -7.41 4.20
C ASN A 290 19.63 -8.15 5.51
N SER A 291 19.35 -9.45 5.53
CA SER A 291 19.53 -10.22 6.74
C SER A 291 20.48 -11.40 6.55
N ARG A 292 21.02 -11.56 5.36
CA ARG A 292 21.90 -12.68 5.09
C ARG A 292 23.37 -12.32 5.33
N GLY A 293 24.07 -13.20 6.04
CA GLY A 293 25.45 -12.97 6.39
C GLY A 293 25.83 -13.60 7.72
N ARG A 313 23.45 -8.10 7.03
CA ARG A 313 23.50 -8.19 8.49
C ARG A 313 22.85 -7.00 9.19
N GLN A 314 22.20 -6.12 8.43
CA GLN A 314 21.54 -4.96 9.01
C GLN A 314 20.17 -5.30 9.58
N LEU A 315 19.58 -6.39 9.08
CA LEU A 315 18.30 -6.86 9.56
C LEU A 315 18.41 -8.29 10.06
N ARG A 316 17.50 -8.65 10.95
CA ARG A 316 17.24 -10.02 11.32
C ARG A 316 15.78 -10.28 10.95
N ALA A 317 15.57 -11.19 10.02
CA ALA A 317 14.22 -11.58 9.62
C ALA A 317 13.59 -12.40 10.73
N LEU A 318 12.41 -12.01 11.19
CA LEU A 318 11.77 -12.67 12.31
C LEU A 318 10.60 -13.55 11.85
N GLY A 319 10.34 -13.52 10.56
CA GLY A 319 9.42 -14.46 9.95
C GLY A 319 8.26 -13.89 9.13
N LYS A 320 7.21 -14.70 9.04
CA LYS A 320 6.13 -14.49 8.08
C LYS A 320 4.85 -15.20 8.54
N LEU A 321 3.72 -14.48 8.50
CA LEU A 321 2.44 -15.07 8.91
C LEU A 321 1.35 -14.83 7.87
N MET A 322 0.56 -15.87 7.60
CA MET A 322 -0.57 -15.76 6.70
C MET A 322 -1.83 -16.18 7.45
N PRO A 323 -2.96 -15.59 7.07
CA PRO A 323 -4.27 -15.92 7.67
C PRO A 323 -4.76 -17.34 7.32
N GLY A 324 -5.28 -18.06 8.31
CA GLY A 324 -5.83 -19.37 8.08
C GLY A 324 -7.22 -19.32 7.47
N GLU A 325 -7.83 -20.50 7.29
CA GLU A 325 -9.16 -20.60 6.68
C GLU A 325 -10.20 -19.73 7.36
N GLU A 326 -10.30 -19.85 8.68
CA GLU A 326 -11.29 -19.12 9.45
C GLU A 326 -11.21 -17.61 9.25
N GLU A 327 -9.99 -17.08 9.31
CA GLU A 327 -9.82 -15.64 9.23
C GLU A 327 -10.17 -15.14 7.83
N VAL A 328 -9.95 -15.99 6.83
CA VAL A 328 -10.21 -15.61 5.43
C VAL A 328 -11.70 -15.72 5.11
N ALA A 329 -12.38 -16.67 5.76
CA ALA A 329 -13.83 -16.77 5.63
C ALA A 329 -14.50 -15.62 6.38
N GLU A 330 -13.87 -15.20 7.48
CA GLU A 330 -14.33 -14.05 8.24
C GLU A 330 -14.12 -12.78 7.41
N ASN A 331 -12.95 -12.71 6.79
CA ASN A 331 -12.60 -11.60 5.92
C ASN A 331 -12.09 -12.16 4.59
N PRO A 332 -12.85 -11.94 3.54
CA PRO A 332 -12.50 -12.44 2.21
C PRO A 332 -11.24 -11.82 1.61
N ARG A 333 -11.05 -10.54 1.85
CA ARG A 333 -9.99 -9.77 1.19
C ARG A 333 -8.62 -10.04 1.81
N ALA A 334 -8.60 -10.82 2.89
CA ALA A 334 -7.35 -11.26 3.51
C ALA A 334 -6.77 -12.46 2.77
N ARG A 335 -7.49 -12.93 1.74
CA ARG A 335 -7.15 -14.14 1.01
C ARG A 335 -5.67 -14.32 0.72
N SER A 336 -5.03 -13.28 0.19
CA SER A 336 -3.63 -13.40 -0.20
C SER A 336 -2.68 -12.56 0.65
N SER A 337 -3.10 -12.20 1.86
CA SER A 337 -2.28 -11.33 2.70
C SER A 337 -1.11 -12.08 3.34
N VAL A 338 -0.01 -11.39 3.47
CA VAL A 338 1.17 -11.95 4.10
C VAL A 338 1.83 -10.91 5.02
N LEU A 339 1.91 -11.23 6.30
CA LEU A 339 2.63 -10.40 7.25
C LEU A 339 4.10 -10.86 7.34
N ARG A 340 5.02 -9.92 7.18
CA ARG A 340 6.43 -10.18 7.40
C ARG A 340 6.97 -9.25 8.47
N ILE A 341 7.82 -9.80 9.33
CA ILE A 341 8.42 -9.07 10.43
C ILE A 341 9.95 -9.15 10.42
N ALA A 342 10.61 -8.03 10.70
CA ALA A 342 12.06 -8.02 10.84
C ALA A 342 12.51 -7.05 11.93
N GLU A 343 13.79 -7.08 12.27
CA GLU A 343 14.33 -6.23 13.33
CA GLU A 343 14.34 -6.25 13.34
C GLU A 343 15.72 -5.72 12.95
N ARG A 344 15.94 -4.44 13.17
CA ARG A 344 17.23 -3.81 12.91
C ARG A 344 18.27 -4.34 13.90
N THR A 345 19.39 -4.85 13.40
CA THR A 345 20.49 -5.29 14.24
C THR A 345 21.35 -4.11 14.71
N ASN A 346 22.57 -4.40 15.14
CA ASN A 346 23.49 -3.35 15.57
C ASN A 346 24.49 -2.90 14.51
N ALA A 347 24.52 -3.59 13.36
CA ALA A 347 25.48 -3.28 12.28
C ALA A 347 25.39 -1.83 11.80
#